data_2FTS
#
_entry.id   2FTS
#
_cell.length_a   51.298
_cell.length_b   123.541
_cell.length_c   155.047
_cell.angle_alpha   90.00
_cell.angle_beta   90.00
_cell.angle_gamma   90.00
#
_symmetry.space_group_name_H-M   'C 2 2 21'
#
loop_
_entity.id
_entity.type
_entity.pdbx_description
1 polymer gephyrin
2 polymer 'Glycine receptor beta chain precursor'
3 water water
#
loop_
_entity_poly.entity_id
_entity_poly.type
_entity_poly.pdbx_seq_one_letter_code
_entity_poly.pdbx_strand_id
1 'polypeptide(L)'
;MSPFPLTSMDKAFITVLEMTPVLGTEIINYRDGMGRVLAQDVYAKDNLPPFPASVKDGYAVRAADGPGDRFIIGESQAGE
QPTQTVMPGQVMRVTTGAPIPCGADAVVQVEDTELIRESDDGTEELEVRILVQARPGQDIRPIGHDIKRGECVLAKGTHM
GPSEIGLLATVGVTEVEVNKFPVVAVMSTGNELLNPEDDLLPGKIRDSNRSTLLATIQEHGYPTINLGIVGDNPDDLLNA
LNEGISRADVIITSGGVSMGEKDYLKQVLDIDLHAQIHFGRVFMKPGLPTTFATLDIDGVRKIIFALPGNPVSAVVTCNL
FVVPALRKMQGILDPRPTIIKARLSCDVKLDPRPEYHRCILTWHHQEPLPWAQSTGNQMSSRLMSMRSANGLLMLPPKTE
QYVELHKGEVVDVMVIGRL
;
A
2 'polypeptide(L)' FSIVGSLPRDFEL P
#
# COMPACT_ATOMS: atom_id res chain seq x y z
N MET A 1 -31.30 11.89 -14.59
CA MET A 1 -32.58 12.41 -14.00
C MET A 1 -33.73 11.45 -14.35
N SER A 2 -34.70 11.30 -13.43
CA SER A 2 -35.74 10.23 -13.50
C SER A 2 -34.90 8.93 -13.36
N PRO A 3 -35.49 7.71 -13.50
CA PRO A 3 -34.52 6.58 -13.43
C PRO A 3 -33.12 6.97 -14.01
N PHE A 4 -32.10 7.08 -13.14
CA PHE A 4 -30.73 7.57 -13.52
C PHE A 4 -29.96 6.66 -14.52
N PRO A 5 -28.72 7.08 -14.96
CA PRO A 5 -28.07 6.26 -16.02
C PRO A 5 -27.52 4.90 -15.56
N LEU A 6 -27.84 3.84 -16.36
CA LEU A 6 -27.26 2.51 -16.17
C LEU A 6 -25.89 2.52 -16.87
N THR A 7 -24.84 2.07 -16.17
CA THR A 7 -23.46 2.06 -16.69
C THR A 7 -22.87 0.68 -16.59
N SER A 8 -21.81 0.45 -17.35
CA SER A 8 -21.05 -0.79 -17.23
C SER A 8 -20.02 -0.66 -16.11
N MET A 9 -19.55 -1.80 -15.63
CA MET A 9 -18.50 -1.83 -14.62
C MET A 9 -17.30 -1.01 -15.00
N ASP A 10 -16.83 -1.22 -16.22
CA ASP A 10 -15.63 -0.56 -16.70
C ASP A 10 -15.77 0.93 -16.85
N LYS A 11 -16.88 1.33 -17.40
CA LYS A 11 -17.21 2.70 -17.60
C LYS A 11 -17.35 3.40 -16.24
N ALA A 12 -18.08 2.77 -15.31
CA ALA A 12 -18.19 3.26 -13.91
C ALA A 12 -16.80 3.47 -13.26
N PHE A 13 -15.92 2.51 -13.41
CA PHE A 13 -14.58 2.59 -12.84
C PHE A 13 -13.79 3.77 -13.39
N ILE A 14 -13.78 3.91 -14.69
CA ILE A 14 -13.08 5.00 -15.33
C ILE A 14 -13.66 6.34 -14.88
N THR A 15 -14.96 6.37 -14.70
CA THR A 15 -15.66 7.59 -14.32
C THR A 15 -15.26 8.00 -12.91
N VAL A 16 -15.25 7.05 -12.01
CA VAL A 16 -14.83 7.30 -10.65
C VAL A 16 -13.41 7.88 -10.65
N LEU A 17 -12.50 7.21 -11.33
CA LEU A 17 -11.12 7.65 -11.39
C LEU A 17 -10.96 9.01 -12.03
N GLU A 18 -11.59 9.22 -13.20
CA GLU A 18 -11.47 10.50 -13.93
C GLU A 18 -12.08 11.68 -13.20
N MET A 19 -13.11 11.44 -12.44
CA MET A 19 -13.80 12.52 -11.79
C MET A 19 -13.25 12.82 -10.42
N THR A 20 -12.32 11.98 -9.97
CA THR A 20 -11.74 12.10 -8.65
C THR A 20 -10.46 12.88 -8.72
N PRO A 21 -10.31 13.92 -7.85
CA PRO A 21 -9.12 14.71 -7.86
C PRO A 21 -7.99 14.12 -7.05
N VAL A 22 -6.77 14.52 -7.37
CA VAL A 22 -5.63 14.22 -6.58
C VAL A 22 -5.60 15.32 -5.51
N LEU A 23 -5.43 14.96 -4.22
CA LEU A 23 -5.40 15.98 -3.15
C LEU A 23 -4.10 16.76 -3.21
N GLY A 24 -4.11 17.92 -2.53
CA GLY A 24 -2.95 18.77 -2.42
C GLY A 24 -1.92 18.16 -1.48
N THR A 25 -0.90 18.96 -1.16
CA THR A 25 0.22 18.48 -0.41
C THR A 25 0.36 19.14 0.97
N GLU A 26 1.19 18.51 1.80
CA GLU A 26 1.55 19.01 3.09
C GLU A 26 2.88 18.45 3.45
N ILE A 27 3.53 19.05 4.42
CA ILE A 27 4.83 18.59 4.91
C ILE A 27 4.62 17.72 6.18
N ILE A 28 5.24 16.54 6.22
CA ILE A 28 5.19 15.66 7.38
C ILE A 28 6.60 15.22 7.83
N ASN A 29 6.66 14.73 9.07
CA ASN A 29 7.84 14.14 9.60
C ASN A 29 7.98 12.81 8.85
N TYR A 30 9.21 12.42 8.54
CA TYR A 30 9.45 11.19 7.74
C TYR A 30 8.86 9.90 8.39
N ARG A 31 8.71 9.92 9.71
CA ARG A 31 8.24 8.76 10.44
C ARG A 31 6.78 8.49 10.20
N ASP A 32 6.09 9.53 9.75
CA ASP A 32 4.68 9.48 9.41
C ASP A 32 4.49 9.22 7.92
N GLY A 33 5.54 8.84 7.21
CA GLY A 33 5.47 8.64 5.76
C GLY A 33 4.93 7.32 5.23
N MET A 34 4.54 6.40 6.10
CA MET A 34 4.02 5.10 5.63
C MET A 34 2.77 5.26 4.82
N GLY A 35 2.82 4.69 3.62
CA GLY A 35 1.76 4.72 2.69
C GLY A 35 1.57 6.02 1.99
N ARG A 36 2.48 6.98 2.20
CA ARG A 36 2.40 8.31 1.60
C ARG A 36 3.11 8.34 0.27
N VAL A 37 2.75 9.33 -0.54
CA VAL A 37 3.35 9.51 -1.82
C VAL A 37 4.16 10.79 -1.77
N LEU A 38 5.46 10.69 -2.04
CA LEU A 38 6.30 11.88 -2.18
C LEU A 38 5.77 12.85 -3.24
N ALA A 39 5.69 14.12 -2.87
CA ALA A 39 5.29 15.22 -3.76
C ALA A 39 6.55 16.05 -4.20
N GLN A 40 7.74 15.55 -3.88
CA GLN A 40 8.99 16.23 -4.20
C GLN A 40 10.07 15.19 -4.46
N ASP A 41 11.14 15.60 -5.14
CA ASP A 41 12.30 14.73 -5.29
C ASP A 41 13.14 14.95 -4.05
N VAL A 42 13.71 13.89 -3.52
CA VAL A 42 14.53 13.93 -2.33
C VAL A 42 16.01 13.69 -2.77
N TYR A 43 16.88 14.63 -2.41
CA TYR A 43 18.30 14.58 -2.78
C TYR A 43 19.19 14.35 -1.56
N ALA A 44 20.28 13.65 -1.76
CA ALA A 44 21.25 13.41 -0.70
C ALA A 44 22.08 14.68 -0.41
N LYS A 45 22.31 15.00 0.86
CA LYS A 45 23.16 16.14 1.23
C LYS A 45 24.58 15.72 1.68
N ASP A 46 24.83 14.42 1.71
CA ASP A 46 26.11 13.88 2.06
C ASP A 46 26.42 12.66 1.20
N ASN A 47 27.70 12.34 1.13
CA ASN A 47 28.19 11.15 0.48
C ASN A 47 28.09 10.03 1.50
N LEU A 48 27.48 8.91 1.14
CA LEU A 48 27.46 7.71 2.01
C LEU A 48 28.25 6.61 1.27
N PRO A 49 29.28 6.02 1.93
CA PRO A 49 29.80 6.40 3.24
C PRO A 49 30.48 7.77 3.15
N PRO A 50 30.46 8.57 4.25
CA PRO A 50 31.11 9.91 4.27
C PRO A 50 32.63 9.86 4.41
N PHE A 51 33.15 8.69 4.75
CA PHE A 51 34.55 8.43 4.87
C PHE A 51 34.78 7.12 4.16
N PRO A 52 36.03 6.83 3.74
CA PRO A 52 36.24 5.50 3.18
C PRO A 52 36.13 4.46 4.34
N ALA A 53 35.39 3.38 4.10
CA ALA A 53 35.07 2.43 5.15
C ALA A 53 35.52 1.05 4.80
N SER A 54 35.94 0.30 5.83
CA SER A 54 36.36 -1.06 5.63
C SER A 54 35.17 -1.91 5.28
N VAL A 55 35.39 -2.87 4.41
CA VAL A 55 34.33 -3.80 3.99
C VAL A 55 34.43 -5.08 4.78
N LYS A 56 35.51 -5.21 5.56
CA LYS A 56 35.78 -6.43 6.26
C LYS A 56 36.48 -6.25 7.59
N ASP A 57 36.42 -7.31 8.38
CA ASP A 57 37.14 -7.42 9.61
C ASP A 57 38.52 -7.82 9.12
N GLY A 58 39.55 -7.12 9.57
CA GLY A 58 40.89 -7.39 9.13
C GLY A 58 41.80 -6.24 9.42
N TYR A 59 42.71 -5.95 8.50
CA TYR A 59 43.72 -4.91 8.71
C TYR A 59 43.80 -3.89 7.57
N ALA A 60 43.85 -2.61 7.94
CA ALA A 60 44.12 -1.54 6.98
C ALA A 60 45.60 -1.64 6.77
N VAL A 61 45.97 -1.73 5.51
CA VAL A 61 47.27 -2.12 5.09
C VAL A 61 47.78 -1.20 4.00
N ARG A 62 49.10 -1.16 3.80
CA ARG A 62 49.70 -0.57 2.57
C ARG A 62 49.93 -1.71 1.54
N ALA A 63 49.36 -1.55 0.35
CA ALA A 63 49.48 -2.55 -0.73
C ALA A 63 50.94 -2.80 -1.07
N ALA A 64 51.69 -1.70 -1.23
CA ALA A 64 53.11 -1.75 -1.56
C ALA A 64 53.97 -2.55 -0.58
N ASP A 65 53.51 -2.70 0.66
CA ASP A 65 54.25 -3.49 1.63
C ASP A 65 54.21 -4.98 1.30
N GLY A 66 53.15 -5.43 0.63
CA GLY A 66 53.03 -6.83 0.29
C GLY A 66 52.82 -7.72 1.52
N PRO A 67 52.92 -9.04 1.32
CA PRO A 67 52.72 -10.08 2.37
C PRO A 67 53.72 -10.18 3.55
N GLY A 68 54.34 -9.09 3.98
CA GLY A 68 55.32 -9.20 5.06
C GLY A 68 54.79 -9.41 6.49
N ASP A 69 55.67 -9.14 7.43
CA ASP A 69 55.48 -9.29 8.86
C ASP A 69 55.29 -7.86 9.39
N ARG A 70 54.11 -7.52 9.94
CA ARG A 70 53.84 -6.08 10.32
C ARG A 70 53.52 -5.73 11.77
N PHE A 71 53.81 -4.48 12.12
CA PHE A 71 53.51 -3.89 13.44
C PHE A 71 52.10 -3.24 13.47
N ILE A 72 51.25 -3.72 14.38
CA ILE A 72 49.88 -3.22 14.53
C ILE A 72 49.90 -1.95 15.37
N ILE A 73 49.79 -0.81 14.71
CA ILE A 73 49.86 0.49 15.40
C ILE A 73 48.62 0.85 16.19
N GLY A 74 47.52 0.13 15.99
CA GLY A 74 46.29 0.38 16.72
C GLY A 74 45.07 -0.20 16.04
N GLU A 75 43.90 0.33 16.40
CA GLU A 75 42.63 -0.06 15.81
C GLU A 75 41.73 1.11 15.48
N SER A 76 41.16 1.06 14.26
CA SER A 76 40.19 2.04 13.79
C SER A 76 38.82 1.75 14.44
N GLN A 77 38.36 2.72 15.21
CA GLN A 77 37.13 2.62 15.94
C GLN A 77 35.99 3.18 15.12
N ALA A 78 34.87 2.45 15.11
CA ALA A 78 33.64 2.93 14.51
C ALA A 78 33.23 4.17 15.30
N GLY A 79 32.84 5.23 14.59
CA GLY A 79 32.38 6.49 15.21
C GLY A 79 33.48 7.48 15.51
N GLU A 80 34.71 7.12 15.18
CA GLU A 80 35.85 7.93 15.48
C GLU A 80 36.72 8.07 14.23
N GLN A 81 37.05 9.31 13.87
CA GLN A 81 37.95 9.54 12.74
C GLN A 81 39.35 9.10 13.23
N PRO A 82 40.10 8.31 12.42
CA PRO A 82 41.42 7.87 12.88
C PRO A 82 42.45 9.01 12.87
N THR A 83 43.36 9.00 13.84
CA THR A 83 44.36 10.06 14.02
C THR A 83 45.72 9.68 13.47
N GLN A 84 45.99 8.39 13.41
CA GLN A 84 47.30 7.89 13.05
C GLN A 84 47.38 7.61 11.57
N THR A 85 48.58 7.78 11.04
CA THR A 85 48.89 7.47 9.65
C THR A 85 49.64 6.16 9.64
N VAL A 86 49.18 5.24 8.80
CA VAL A 86 49.86 3.95 8.58
C VAL A 86 51.10 4.24 7.75
N MET A 87 52.25 3.88 8.31
CA MET A 87 53.54 4.08 7.68
C MET A 87 53.99 2.75 7.08
N PRO A 88 55.02 2.80 6.24
CA PRO A 88 55.60 1.54 5.75
C PRO A 88 55.95 0.51 6.88
N GLY A 89 55.42 -0.70 6.75
CA GLY A 89 55.71 -1.76 7.68
C GLY A 89 54.77 -1.82 8.84
N GLN A 90 53.71 -1.01 8.77
CA GLN A 90 52.71 -0.95 9.81
C GLN A 90 51.32 -1.28 9.25
N VAL A 91 50.40 -1.48 10.20
CA VAL A 91 49.06 -1.95 9.93
C VAL A 91 48.13 -1.52 11.08
N MET A 92 46.87 -1.27 10.75
CA MET A 92 45.87 -0.88 11.73
C MET A 92 44.69 -1.88 11.71
N ARG A 93 44.29 -2.35 12.89
CA ARG A 93 43.14 -3.26 13.02
C ARG A 93 41.87 -2.50 12.57
N VAL A 94 40.96 -3.22 11.92
CA VAL A 94 39.81 -2.61 11.31
C VAL A 94 38.63 -3.59 11.34
N THR A 95 37.42 -3.11 11.62
CA THR A 95 36.20 -3.92 11.58
C THR A 95 35.37 -3.44 10.40
N THR A 96 34.36 -4.21 9.97
CA THR A 96 33.68 -3.86 8.70
C THR A 96 33.01 -2.47 8.62
N GLY A 97 32.64 -1.86 9.72
CA GLY A 97 32.11 -0.47 9.62
C GLY A 97 33.22 0.58 9.50
N ALA A 98 34.38 0.25 10.09
CA ALA A 98 35.47 1.18 10.38
C ALA A 98 36.10 2.05 9.27
N PRO A 99 36.38 3.34 9.61
CA PRO A 99 37.08 4.29 8.76
C PRO A 99 38.51 3.84 8.41
N ILE A 100 38.88 3.92 7.15
CA ILE A 100 40.24 3.57 6.73
C ILE A 100 41.19 4.72 7.18
N PRO A 101 42.28 4.39 7.87
CA PRO A 101 43.18 5.45 8.31
C PRO A 101 43.99 6.08 7.15
N CYS A 102 44.50 7.28 7.42
CA CYS A 102 45.21 8.08 6.40
C CYS A 102 46.39 7.42 5.62
N GLY A 103 47.02 6.37 6.10
CA GLY A 103 48.17 5.81 5.31
C GLY A 103 47.92 4.56 4.47
N ALA A 104 46.79 3.91 4.70
CA ALA A 104 46.45 2.64 4.04
C ALA A 104 45.59 2.88 2.86
N ASP A 105 45.71 2.02 1.84
CA ASP A 105 44.71 2.02 0.79
C ASP A 105 44.30 0.63 0.37
N ALA A 106 44.30 -0.30 1.31
CA ALA A 106 43.76 -1.62 1.08
C ALA A 106 43.45 -2.29 2.42
N VAL A 107 42.51 -3.22 2.40
CA VAL A 107 42.10 -3.96 3.58
C VAL A 107 42.31 -5.43 3.30
N VAL A 108 43.02 -6.09 4.22
CA VAL A 108 43.29 -7.53 4.14
C VAL A 108 42.44 -8.17 5.20
N GLN A 109 41.48 -8.99 4.81
CA GLN A 109 40.61 -9.66 5.76
C GLN A 109 41.44 -10.50 6.69
N VAL A 110 40.90 -10.83 7.84
CA VAL A 110 41.65 -11.56 8.86
C VAL A 110 42.06 -12.99 8.39
N GLU A 111 41.28 -13.57 7.47
CA GLU A 111 41.51 -14.93 6.95
C GLU A 111 42.80 -15.06 6.13
N ASP A 112 43.32 -13.94 5.65
CA ASP A 112 44.58 -13.92 4.91
C ASP A 112 45.69 -13.30 5.79
N THR A 113 45.64 -13.67 7.08
CA THR A 113 46.51 -13.15 8.14
C THR A 113 46.76 -14.23 9.24
N GLU A 114 47.87 -14.08 9.99
CA GLU A 114 48.19 -14.95 11.14
C GLU A 114 48.85 -14.15 12.24
N LEU A 115 48.43 -14.36 13.50
CA LEU A 115 49.06 -13.66 14.62
C LEU A 115 50.45 -14.15 14.81
N ILE A 116 51.40 -13.24 14.87
CA ILE A 116 52.79 -13.56 15.11
C ILE A 116 53.08 -13.34 16.58
N ARG A 117 52.80 -12.13 17.05
CA ARG A 117 53.07 -11.76 18.43
C ARG A 117 51.89 -11.04 19.09
N GLU A 118 51.78 -11.24 20.40
CA GLU A 118 50.79 -10.59 21.25
C GLU A 118 51.52 -10.03 22.46
N SER A 119 51.16 -8.82 22.89
CA SER A 119 51.73 -8.27 24.11
C SER A 119 51.27 -9.21 25.21
N ASP A 120 52.15 -10.15 25.65
CA ASP A 120 51.71 -11.24 26.56
C ASP A 120 50.25 -11.45 26.13
N ASP A 121 49.28 -11.27 27.04
CA ASP A 121 47.90 -11.02 26.60
C ASP A 121 47.00 -10.47 27.69
N GLY A 122 46.74 -9.17 27.55
CA GLY A 122 45.73 -8.48 28.31
C GLY A 122 44.87 -7.94 27.19
N THR A 123 44.44 -8.87 26.31
CA THR A 123 43.65 -8.56 25.09
C THR A 123 44.36 -7.59 24.18
N GLU A 124 45.39 -8.06 23.47
CA GLU A 124 46.11 -7.19 22.51
C GLU A 124 47.02 -7.93 21.53
N GLU A 125 46.91 -7.55 20.25
CA GLU A 125 47.73 -8.07 19.17
C GLU A 125 48.81 -7.01 18.85
N LEU A 126 50.04 -7.45 18.60
CA LEU A 126 51.15 -6.54 18.27
C LEU A 126 51.73 -6.70 16.84
N GLU A 127 51.71 -7.94 16.32
CA GLU A 127 52.25 -8.22 14.96
C GLU A 127 51.45 -9.28 14.22
N VAL A 128 51.25 -9.06 12.92
CA VAL A 128 50.52 -10.02 12.06
C VAL A 128 51.27 -10.32 10.79
N ARG A 129 51.17 -11.58 10.33
CA ARG A 129 51.69 -11.96 8.99
C ARG A 129 50.59 -11.71 8.03
N ILE A 130 50.84 -10.82 7.10
CA ILE A 130 49.89 -10.57 6.06
C ILE A 130 50.30 -11.52 4.96
N LEU A 131 49.41 -12.44 4.62
CA LEU A 131 49.76 -13.55 3.74
C LEU A 131 49.48 -13.27 2.29
N VAL A 132 49.00 -12.08 2.01
CA VAL A 132 48.56 -11.74 0.68
C VAL A 132 49.12 -10.41 0.16
N GLN A 133 49.25 -10.32 -1.18
CA GLN A 133 49.57 -9.07 -1.87
C GLN A 133 48.23 -8.47 -2.30
N ALA A 134 47.81 -7.43 -1.58
CA ALA A 134 46.55 -6.77 -1.81
C ALA A 134 46.63 -5.79 -2.96
N ARG A 135 45.51 -5.56 -3.62
CA ARG A 135 45.44 -4.55 -4.67
C ARG A 135 45.02 -3.24 -4.04
N PRO A 136 45.60 -2.13 -4.52
CA PRO A 136 45.16 -0.83 -4.07
C PRO A 136 43.62 -0.66 -4.18
N GLY A 137 42.98 -0.31 -3.07
CA GLY A 137 41.51 -0.09 -3.00
C GLY A 137 40.68 -1.30 -2.60
N GLN A 138 41.36 -2.44 -2.42
CA GLN A 138 40.71 -3.71 -2.11
C GLN A 138 40.01 -3.67 -0.74
N ASP A 139 38.76 -4.19 -0.71
CA ASP A 139 37.92 -4.29 0.51
C ASP A 139 37.70 -2.97 1.17
N ILE A 140 37.63 -1.91 0.39
CA ILE A 140 37.36 -0.56 0.90
C ILE A 140 36.16 0.03 0.15
N ARG A 141 35.27 0.69 0.91
CA ARG A 141 34.08 1.30 0.35
C ARG A 141 34.41 2.77 0.23
N PRO A 142 34.64 3.27 -0.99
CA PRO A 142 35.07 4.68 -1.08
C PRO A 142 34.01 5.69 -0.70
N ILE A 143 34.43 6.92 -0.42
CA ILE A 143 33.49 7.98 -0.11
C ILE A 143 32.51 8.15 -1.27
N GLY A 144 31.22 8.19 -0.95
CA GLY A 144 30.16 8.39 -1.97
C GLY A 144 29.76 7.12 -2.71
N HIS A 145 30.34 5.99 -2.32
CA HIS A 145 30.11 4.71 -3.02
C HIS A 145 28.66 4.30 -3.09
N ASP A 146 27.89 4.55 -2.02
CA ASP A 146 26.48 4.14 -1.94
C ASP A 146 25.54 5.23 -2.40
N ILE A 147 25.77 6.44 -1.91
CA ILE A 147 25.00 7.59 -2.31
C ILE A 147 25.97 8.75 -2.49
N LYS A 148 25.85 9.46 -3.60
CA LYS A 148 26.70 10.62 -3.93
C LYS A 148 25.95 11.89 -3.50
N ARG A 149 26.69 12.89 -3.04
CA ARG A 149 26.08 14.14 -2.60
C ARG A 149 25.32 14.83 -3.74
N GLY A 150 24.08 15.23 -3.47
CA GLY A 150 23.22 15.93 -4.46
C GLY A 150 22.40 15.02 -5.38
N GLU A 151 22.68 13.75 -5.32
CA GLU A 151 21.99 12.76 -6.14
C GLU A 151 20.56 12.50 -5.64
N CYS A 152 19.67 12.23 -6.56
CA CYS A 152 18.29 11.96 -6.19
C CYS A 152 18.16 10.53 -5.65
N VAL A 153 17.77 10.38 -4.40
CA VAL A 153 17.59 9.03 -3.79
C VAL A 153 16.11 8.53 -3.84
N LEU A 154 15.17 9.48 -3.79
CA LEU A 154 13.76 9.21 -3.92
C LEU A 154 13.13 10.24 -4.80
N ALA A 155 12.37 9.77 -5.79
CA ALA A 155 11.70 10.62 -6.73
C ALA A 155 10.27 10.94 -6.34
N LYS A 156 9.78 12.03 -6.95
CA LYS A 156 8.43 12.48 -6.82
C LYS A 156 7.55 11.31 -7.30
N GLY A 157 6.51 10.97 -6.53
CA GLY A 157 5.59 9.90 -6.90
C GLY A 157 5.83 8.54 -6.24
N THR A 158 6.91 8.46 -5.46
CA THR A 158 7.26 7.26 -4.76
C THR A 158 6.26 7.04 -3.61
N HIS A 159 5.66 5.86 -3.62
CA HIS A 159 4.74 5.39 -2.61
C HIS A 159 5.58 4.66 -1.54
N MET A 160 5.70 5.28 -0.38
CA MET A 160 6.66 4.86 0.65
C MET A 160 6.25 3.79 1.66
N GLY A 161 7.17 2.87 1.87
CA GLY A 161 7.07 1.83 2.87
C GLY A 161 8.27 1.94 3.78
N PRO A 162 8.49 0.93 4.62
CA PRO A 162 9.58 0.97 5.62
C PRO A 162 10.96 1.38 5.12
N SER A 163 11.41 0.77 4.03
CA SER A 163 12.73 1.04 3.45
C SER A 163 12.95 2.42 2.94
N GLU A 164 11.89 3.06 2.47
CA GLU A 164 11.96 4.44 1.97
C GLU A 164 12.12 5.36 3.14
N ILE A 165 11.34 5.10 4.21
CA ILE A 165 11.42 5.85 5.46
C ILE A 165 12.85 5.78 6.02
N GLY A 166 13.45 4.60 5.95
CA GLY A 166 14.81 4.38 6.39
C GLY A 166 15.82 5.02 5.50
N LEU A 167 15.48 5.20 4.22
CA LEU A 167 16.39 5.87 3.28
C LEU A 167 16.39 7.36 3.58
N LEU A 168 15.22 7.89 4.01
CA LEU A 168 15.09 9.29 4.42
C LEU A 168 15.87 9.59 5.71
N ALA A 169 15.83 8.69 6.66
CA ALA A 169 16.64 8.80 7.85
C ALA A 169 18.13 8.84 7.46
N THR A 170 18.54 7.92 6.61
CA THR A 170 19.92 7.85 6.13
C THR A 170 20.46 9.20 5.56
N VAL A 171 19.65 9.90 4.77
CA VAL A 171 20.08 11.16 4.14
C VAL A 171 19.77 12.38 5.01
N GLY A 172 19.06 12.15 6.11
CA GLY A 172 18.79 13.22 7.09
C GLY A 172 17.72 14.18 6.66
N VAL A 173 16.83 13.70 5.82
CA VAL A 173 15.69 14.48 5.36
C VAL A 173 14.47 14.02 6.23
N THR A 174 14.26 14.72 7.36
CA THR A 174 13.28 14.35 8.37
C THR A 174 11.90 14.98 8.21
N GLU A 175 11.81 16.05 7.39
CA GLU A 175 10.50 16.66 7.05
C GLU A 175 10.35 16.47 5.56
N VAL A 176 9.17 16.17 5.09
CA VAL A 176 9.05 15.84 3.70
C VAL A 176 7.67 16.23 3.12
N GLU A 177 7.65 16.73 1.88
CA GLU A 177 6.39 17.08 1.22
C GLU A 177 5.74 15.87 0.54
N VAL A 178 4.48 15.62 0.91
CA VAL A 178 3.70 14.48 0.45
C VAL A 178 2.22 14.88 0.21
N ASN A 179 1.50 14.09 -0.59
CA ASN A 179 0.07 14.31 -0.77
C ASN A 179 -0.66 13.98 0.49
N LYS A 180 -1.72 14.74 0.74
CA LYS A 180 -2.57 14.51 1.88
C LYS A 180 -3.32 13.20 1.70
N PHE A 181 -3.79 12.62 2.81
CA PHE A 181 -4.67 11.49 2.78
C PHE A 181 -6.10 12.06 2.75
N PRO A 182 -7.02 11.33 2.10
CA PRO A 182 -8.40 11.73 2.16
C PRO A 182 -9.04 11.42 3.49
N VAL A 183 -9.84 12.36 4.00
CA VAL A 183 -10.69 12.04 5.15
C VAL A 183 -12.07 11.61 4.60
N VAL A 184 -12.52 10.47 5.09
CA VAL A 184 -13.71 9.78 4.59
C VAL A 184 -14.77 9.71 5.69
N ALA A 185 -15.93 10.29 5.41
CA ALA A 185 -17.05 10.28 6.35
C ALA A 185 -17.99 9.14 5.94
N VAL A 186 -18.40 8.32 6.91
CA VAL A 186 -19.31 7.18 6.63
C VAL A 186 -20.65 7.31 7.41
N MET A 187 -21.73 7.08 6.71
CA MET A 187 -23.03 7.14 7.34
C MET A 187 -23.88 5.98 6.81
N SER A 188 -24.92 5.60 7.54
CA SER A 188 -25.85 4.56 7.08
C SER A 188 -27.21 5.17 7.13
N THR A 189 -28.02 4.93 6.11
CA THR A 189 -29.38 5.41 6.12
C THR A 189 -30.36 4.21 6.09
N GLY A 190 -31.50 4.40 6.73
CA GLY A 190 -32.51 3.39 6.82
C GLY A 190 -33.26 3.53 8.13
N ASN A 191 -34.59 3.46 8.07
CA ASN A 191 -35.41 3.57 9.27
C ASN A 191 -35.43 2.29 10.09
N GLU A 192 -34.90 1.21 9.52
CA GLU A 192 -34.89 -0.06 10.20
C GLU A 192 -33.62 -0.33 10.97
N LEU A 193 -32.61 0.56 10.86
CA LEU A 193 -31.31 0.35 11.51
C LEU A 193 -31.20 0.79 12.97
N LEU A 194 -30.48 0.01 13.77
CA LEU A 194 -30.15 0.34 15.16
C LEU A 194 -28.64 0.34 15.29
N ASN A 195 -28.11 0.92 16.34
CA ASN A 195 -26.66 0.84 16.59
C ASN A 195 -26.35 -0.54 17.11
N PRO A 196 -25.17 -1.08 16.74
CA PRO A 196 -24.73 -2.39 17.21
C PRO A 196 -24.83 -2.58 18.75
N GLU A 197 -24.78 -1.48 19.49
CA GLU A 197 -24.85 -1.51 20.95
C GLU A 197 -26.28 -1.74 21.44
N ASP A 198 -27.27 -1.52 20.58
CA ASP A 198 -28.69 -1.65 20.96
C ASP A 198 -29.20 -3.06 20.80
N ASP A 199 -30.22 -3.38 21.59
CA ASP A 199 -30.92 -4.65 21.45
C ASP A 199 -32.01 -4.46 20.43
N LEU A 200 -32.42 -5.55 19.79
CA LEU A 200 -33.43 -5.48 18.74
C LEU A 200 -34.80 -5.01 19.22
N LEU A 201 -35.52 -4.39 18.30
CA LEU A 201 -36.87 -3.92 18.51
C LEU A 201 -37.62 -4.41 17.32
N PRO A 202 -38.96 -4.49 17.42
CA PRO A 202 -39.74 -4.98 16.29
C PRO A 202 -39.45 -4.21 15.03
N GLY A 203 -39.21 -4.96 13.93
CA GLY A 203 -38.95 -4.39 12.58
C GLY A 203 -37.55 -3.83 12.34
N LYS A 204 -36.66 -3.98 13.32
CA LYS A 204 -35.33 -3.38 13.28
C LYS A 204 -34.20 -4.40 13.18
N ILE A 205 -33.10 -3.99 12.58
CA ILE A 205 -31.88 -4.77 12.54
C ILE A 205 -30.70 -3.85 12.93
N ARG A 206 -29.55 -4.43 13.28
CA ARG A 206 -28.36 -3.62 13.62
C ARG A 206 -27.64 -3.21 12.36
N ASP A 207 -27.12 -2.02 12.37
CA ASP A 207 -26.35 -1.49 11.26
C ASP A 207 -24.93 -2.11 11.27
N SER A 208 -24.59 -2.89 10.25
CA SER A 208 -23.23 -3.50 10.14
C SER A 208 -22.29 -2.82 9.12
N ASN A 209 -22.87 -2.25 8.07
CA ASN A 209 -22.16 -1.63 6.98
C ASN A 209 -21.25 -0.49 7.39
N ARG A 210 -21.71 0.34 8.31
CA ARG A 210 -20.91 1.48 8.76
C ARG A 210 -19.59 0.97 9.32
N SER A 211 -19.67 0.00 10.23
CA SER A 211 -18.44 -0.56 10.83
C SER A 211 -17.55 -1.34 9.86
N THR A 212 -18.15 -2.06 8.93
CA THR A 212 -17.37 -2.78 7.88
C THR A 212 -16.64 -1.83 6.97
N LEU A 213 -17.33 -0.76 6.58
CA LEU A 213 -16.81 0.23 5.65
C LEU A 213 -15.75 1.11 6.32
N LEU A 214 -15.99 1.47 7.58
CA LEU A 214 -15.00 2.24 8.33
C LEU A 214 -13.76 1.39 8.54
N ALA A 215 -13.96 0.11 8.79
CA ALA A 215 -12.85 -0.79 9.02
C ALA A 215 -12.02 -0.97 7.73
N THR A 216 -12.73 -1.14 6.60
CA THR A 216 -12.06 -1.34 5.29
C THR A 216 -11.18 -0.15 4.92
N ILE A 217 -11.64 1.07 5.18
CA ILE A 217 -10.87 2.21 4.79
C ILE A 217 -9.80 2.52 5.85
N GLN A 218 -10.03 2.20 7.12
CA GLN A 218 -8.99 2.37 8.14
C GLN A 218 -7.76 1.45 7.84
N GLU A 219 -8.04 0.24 7.31
CA GLU A 219 -7.01 -0.69 6.94
C GLU A 219 -6.02 -0.14 5.90
N HIS A 220 -6.48 0.79 5.05
CA HIS A 220 -5.61 1.49 4.09
C HIS A 220 -4.96 2.70 4.78
N GLY A 221 -5.28 2.93 6.06
CA GLY A 221 -4.65 3.97 6.84
C GLY A 221 -5.16 5.34 6.57
N TYR A 222 -6.40 5.48 6.07
CA TYR A 222 -6.96 6.80 5.82
C TYR A 222 -7.81 7.17 7.01
N PRO A 223 -7.79 8.49 7.41
CA PRO A 223 -8.59 9.00 8.52
C PRO A 223 -10.09 8.96 8.22
N THR A 224 -10.90 8.60 9.22
CA THR A 224 -12.33 8.48 9.04
C THR A 224 -13.17 9.29 10.00
N ILE A 225 -14.41 9.56 9.59
CA ILE A 225 -15.43 10.21 10.42
C ILE A 225 -16.68 9.35 10.40
N ASN A 226 -17.21 9.06 11.58
CA ASN A 226 -18.46 8.28 11.74
C ASN A 226 -19.62 9.25 11.90
N LEU A 227 -20.48 9.29 10.91
CA LEU A 227 -21.61 10.19 10.91
C LEU A 227 -22.89 9.48 11.38
N GLY A 228 -22.78 8.21 11.71
CA GLY A 228 -23.88 7.49 12.29
C GLY A 228 -25.01 7.16 11.33
N ILE A 229 -26.13 6.76 11.92
CA ILE A 229 -27.32 6.39 11.21
C ILE A 229 -28.14 7.63 11.02
N VAL A 230 -28.52 7.84 9.78
CA VAL A 230 -29.30 8.98 9.37
C VAL A 230 -30.67 8.45 8.96
N GLY A 231 -31.75 9.05 9.44
CA GLY A 231 -33.09 8.62 9.00
C GLY A 231 -33.22 8.77 7.47
N ASP A 232 -34.07 7.96 6.84
CA ASP A 232 -34.27 8.02 5.37
C ASP A 232 -35.30 9.10 4.97
N ASN A 233 -34.93 10.37 5.19
CA ASN A 233 -35.76 11.53 4.80
C ASN A 233 -34.86 12.69 4.36
N PRO A 234 -35.35 13.55 3.41
CA PRO A 234 -34.55 14.65 2.84
C PRO A 234 -33.89 15.60 3.85
N ASP A 235 -34.61 15.93 4.94
CA ASP A 235 -34.14 16.91 5.93
C ASP A 235 -32.86 16.38 6.59
N ASP A 236 -32.97 15.17 7.15
CA ASP A 236 -31.86 14.51 7.83
C ASP A 236 -30.75 14.04 6.88
N LEU A 237 -31.10 13.66 5.65
CA LEU A 237 -30.07 13.30 4.63
C LEU A 237 -29.26 14.53 4.25
N LEU A 238 -29.92 15.67 4.11
CA LEU A 238 -29.25 16.89 3.74
C LEU A 238 -28.28 17.34 4.81
N ASN A 239 -28.75 17.40 6.05
CA ASN A 239 -27.92 17.77 7.20
C ASN A 239 -26.71 16.85 7.42
N ALA A 240 -26.88 15.57 7.16
CA ALA A 240 -25.83 14.60 7.32
C ALA A 240 -24.81 14.82 6.28
N LEU A 241 -25.26 15.08 5.05
CA LEU A 241 -24.38 15.29 3.92
C LEU A 241 -23.66 16.61 4.07
N ASN A 242 -24.33 17.64 4.50
CA ASN A 242 -23.67 18.93 4.70
C ASN A 242 -22.54 18.85 5.72
N GLU A 243 -22.74 18.05 6.76
CA GLU A 243 -21.70 17.85 7.79
C GLU A 243 -20.50 17.06 7.22
N GLY A 244 -20.75 16.06 6.39
CA GLY A 244 -19.66 15.34 5.77
C GLY A 244 -18.87 16.19 4.76
N ILE A 245 -19.57 17.07 4.06
CA ILE A 245 -18.97 17.96 3.10
C ILE A 245 -18.04 18.97 3.78
N SER A 246 -18.45 19.45 4.96
CA SER A 246 -17.67 20.42 5.69
C SER A 246 -16.50 19.79 6.40
N ARG A 247 -16.60 18.53 6.78
CA ARG A 247 -15.54 17.84 7.52
C ARG A 247 -14.69 16.86 6.74
N ALA A 248 -15.17 16.41 5.59
CA ALA A 248 -14.45 15.39 4.85
C ALA A 248 -14.25 15.69 3.36
N ASP A 249 -13.47 14.83 2.74
CA ASP A 249 -13.16 14.86 1.29
C ASP A 249 -14.11 13.96 0.50
N VAL A 250 -14.46 12.84 1.12
CA VAL A 250 -15.27 11.81 0.57
C VAL A 250 -16.41 11.49 1.56
N ILE A 251 -17.61 11.29 1.03
CA ILE A 251 -18.72 10.81 1.80
C ILE A 251 -19.17 9.49 1.23
N ILE A 252 -19.33 8.53 2.11
CA ILE A 252 -19.87 7.25 1.78
C ILE A 252 -21.14 7.01 2.60
N THR A 253 -22.19 6.62 1.90
CA THR A 253 -23.38 6.22 2.54
C THR A 253 -23.73 4.85 2.00
N SER A 254 -24.52 4.13 2.77
CA SER A 254 -25.06 2.90 2.31
C SER A 254 -26.47 2.81 2.79
N GLY A 255 -27.35 2.18 2.01
CA GLY A 255 -28.69 1.98 2.44
C GLY A 255 -29.76 2.39 1.46
N GLY A 256 -30.74 1.48 1.27
CA GLY A 256 -31.92 1.67 0.41
C GLY A 256 -31.81 2.59 -0.79
N VAL A 257 -30.96 2.23 -1.77
CA VAL A 257 -30.85 2.98 -3.07
C VAL A 257 -31.26 2.14 -4.30
N SER A 258 -31.97 1.02 -4.11
CA SER A 258 -32.26 0.06 -5.25
C SER A 258 -33.09 0.65 -6.42
N MET A 259 -34.02 -0.14 -6.96
CA MET A 259 -34.88 0.31 -8.06
C MET A 259 -36.03 1.07 -7.39
N GLY A 260 -36.62 0.43 -6.37
CA GLY A 260 -37.50 1.12 -5.42
C GLY A 260 -36.50 1.72 -4.44
N GLU A 261 -36.68 2.99 -4.09
CA GLU A 261 -35.69 3.72 -3.23
C GLU A 261 -34.42 4.03 -4.03
N LYS A 262 -33.80 5.15 -3.68
CA LYS A 262 -32.73 5.88 -4.46
C LYS A 262 -33.20 7.32 -4.32
N ASP A 263 -34.55 7.43 -4.32
CA ASP A 263 -35.35 8.63 -4.14
C ASP A 263 -34.73 9.74 -3.31
N TYR A 264 -34.85 9.67 -1.99
CA TYR A 264 -34.48 10.80 -1.14
C TYR A 264 -33.06 11.23 -1.28
N LEU A 265 -32.12 10.29 -1.37
CA LEU A 265 -30.72 10.65 -1.50
C LEU A 265 -30.39 11.29 -2.86
N LYS A 266 -30.87 10.71 -3.96
CA LYS A 266 -30.63 11.30 -5.27
C LYS A 266 -31.35 12.64 -5.38
N GLN A 267 -32.54 12.72 -4.84
CA GLN A 267 -33.33 13.94 -4.82
C GLN A 267 -32.58 15.09 -4.07
N VAL A 268 -31.94 14.79 -2.94
CA VAL A 268 -31.16 15.85 -2.21
C VAL A 268 -29.80 16.18 -2.87
N LEU A 269 -29.16 15.21 -3.51
CA LEU A 269 -27.91 15.48 -4.20
C LEU A 269 -28.19 16.41 -5.33
N ASP A 270 -29.20 16.04 -6.10
CA ASP A 270 -29.62 16.76 -7.29
C ASP A 270 -30.19 18.17 -6.98
N ILE A 271 -31.24 18.23 -6.17
CA ILE A 271 -31.98 19.48 -5.95
C ILE A 271 -31.39 20.40 -4.90
N ASP A 272 -31.02 19.83 -3.77
CA ASP A 272 -30.53 20.63 -2.64
C ASP A 272 -29.04 20.88 -2.67
N LEU A 273 -28.26 19.86 -3.00
CA LEU A 273 -26.81 20.03 -3.08
C LEU A 273 -26.34 20.47 -4.45
N HIS A 274 -27.09 20.09 -5.48
CA HIS A 274 -26.71 20.35 -6.88
C HIS A 274 -25.46 19.58 -7.23
N ALA A 275 -25.31 18.38 -6.66
CA ALA A 275 -24.21 17.53 -6.98
C ALA A 275 -24.52 16.95 -8.35
N GLN A 276 -23.47 16.50 -9.03
CA GLN A 276 -23.55 15.93 -10.33
C GLN A 276 -23.47 14.43 -10.11
N ILE A 277 -24.59 13.76 -10.34
CA ILE A 277 -24.68 12.32 -10.24
C ILE A 277 -24.20 11.81 -11.55
N HIS A 278 -23.08 11.08 -11.53
CA HIS A 278 -22.48 10.55 -12.75
C HIS A 278 -23.13 9.23 -13.18
N PHE A 279 -23.42 8.36 -12.22
CA PHE A 279 -24.24 7.15 -12.47
C PHE A 279 -25.03 6.77 -11.24
N GLY A 280 -26.18 6.12 -11.45
CA GLY A 280 -27.05 5.67 -10.35
C GLY A 280 -27.25 4.16 -10.28
N ARG A 281 -26.92 3.46 -11.38
CA ARG A 281 -27.02 2.01 -11.48
C ARG A 281 -25.83 1.48 -12.29
N VAL A 282 -25.24 0.38 -11.85
CA VAL A 282 -24.14 -0.22 -12.64
C VAL A 282 -24.42 -1.71 -12.94
N PHE A 283 -24.19 -2.13 -14.19
CA PHE A 283 -24.49 -3.49 -14.64
C PHE A 283 -23.51 -4.49 -14.00
N MET A 284 -23.82 -4.89 -12.77
CA MET A 284 -22.98 -5.82 -12.03
C MET A 284 -23.78 -6.56 -10.99
N LYS A 285 -23.16 -7.62 -10.46
CA LYS A 285 -23.73 -8.41 -9.38
C LYS A 285 -22.61 -8.76 -8.38
N PRO A 286 -22.72 -8.30 -7.11
CA PRO A 286 -23.80 -7.51 -6.51
C PRO A 286 -23.50 -6.00 -6.57
N GLY A 287 -24.48 -5.18 -6.21
CA GLY A 287 -24.28 -3.73 -6.13
C GLY A 287 -24.81 -2.90 -7.27
N LEU A 288 -25.74 -3.46 -8.05
CA LEU A 288 -26.38 -2.76 -9.15
C LEU A 288 -26.71 -1.30 -8.79
N PRO A 289 -27.42 -1.05 -7.66
CA PRO A 289 -27.80 0.33 -7.34
C PRO A 289 -26.71 1.19 -6.63
N THR A 290 -25.55 1.30 -7.25
CA THR A 290 -24.44 2.06 -6.71
C THR A 290 -24.45 3.37 -7.43
N THR A 291 -24.34 4.45 -6.66
CA THR A 291 -24.40 5.82 -7.16
C THR A 291 -23.05 6.51 -6.92
N PHE A 292 -22.63 7.31 -7.89
CA PHE A 292 -21.42 8.08 -7.76
C PHE A 292 -21.72 9.52 -8.16
N ALA A 293 -21.46 10.44 -7.23
CA ALA A 293 -21.68 11.87 -7.43
C ALA A 293 -20.47 12.67 -6.99
N THR A 294 -20.35 13.87 -7.54
CA THR A 294 -19.30 14.85 -7.17
C THR A 294 -19.96 16.22 -6.88
N LEU A 295 -19.37 16.96 -5.96
CA LEU A 295 -19.86 18.29 -5.61
C LEU A 295 -18.68 19.23 -5.77
N ASP A 296 -18.83 20.24 -6.61
CA ASP A 296 -17.82 21.27 -6.72
C ASP A 296 -18.29 22.41 -5.83
N ILE A 297 -17.54 22.65 -4.75
CA ILE A 297 -17.94 23.56 -3.71
C ILE A 297 -16.73 24.45 -3.33
N ASP A 298 -16.84 25.74 -3.52
CA ASP A 298 -15.79 26.69 -3.14
C ASP A 298 -14.41 26.29 -3.70
N GLY A 299 -14.36 26.00 -5.01
CA GLY A 299 -13.10 25.63 -5.70
C GLY A 299 -12.62 24.21 -5.45
N VAL A 300 -13.26 23.55 -4.48
CA VAL A 300 -12.90 22.20 -4.05
C VAL A 300 -13.93 21.16 -4.54
N ARG A 301 -13.46 19.95 -4.91
CA ARG A 301 -14.31 18.86 -5.34
C ARG A 301 -14.41 17.78 -4.27
N LYS A 302 -15.64 17.51 -3.82
CA LYS A 302 -15.95 16.44 -2.86
C LYS A 302 -16.49 15.28 -3.67
N ILE A 303 -16.21 14.05 -3.28
CA ILE A 303 -16.81 12.91 -3.99
C ILE A 303 -17.72 12.14 -3.04
N ILE A 304 -18.84 11.64 -3.59
CA ILE A 304 -19.91 10.98 -2.84
C ILE A 304 -20.24 9.63 -3.48
N PHE A 305 -20.34 8.60 -2.65
CA PHE A 305 -20.65 7.27 -3.11
C PHE A 305 -21.83 6.82 -2.33
N ALA A 306 -22.92 6.48 -3.01
CA ALA A 306 -24.06 5.89 -2.35
C ALA A 306 -24.02 4.38 -2.66
N LEU A 307 -23.59 3.59 -1.68
CA LEU A 307 -23.50 2.16 -1.88
C LEU A 307 -24.79 1.47 -1.44
N PRO A 308 -25.06 0.28 -1.99
CA PRO A 308 -26.28 -0.42 -1.60
C PRO A 308 -26.28 -0.81 -0.14
N GLY A 309 -27.45 -1.10 0.41
CA GLY A 309 -27.58 -1.48 1.80
C GLY A 309 -27.25 -2.95 2.04
N ASN A 310 -27.28 -3.77 1.00
CA ASN A 310 -26.92 -5.17 1.17
C ASN A 310 -25.48 -5.27 1.68
N PRO A 311 -25.24 -6.03 2.77
CA PRO A 311 -23.89 -6.03 3.37
C PRO A 311 -22.75 -6.51 2.47
N VAL A 312 -23.02 -7.47 1.59
CA VAL A 312 -21.99 -7.99 0.67
C VAL A 312 -21.77 -7.05 -0.49
N SER A 313 -22.85 -6.48 -1.00
CA SER A 313 -22.81 -5.49 -2.06
C SER A 313 -22.02 -4.26 -1.62
N ALA A 314 -22.23 -3.83 -0.39
CA ALA A 314 -21.53 -2.62 0.12
C ALA A 314 -20.01 -2.85 0.21
N VAL A 315 -19.60 -4.04 0.69
CA VAL A 315 -18.16 -4.35 0.84
C VAL A 315 -17.47 -4.59 -0.50
N VAL A 316 -18.14 -5.25 -1.39
CA VAL A 316 -17.65 -5.41 -2.77
C VAL A 316 -17.46 -4.04 -3.46
N THR A 317 -18.51 -3.24 -3.48
CA THR A 317 -18.46 -1.96 -4.20
C THR A 317 -17.48 -0.99 -3.57
N CYS A 318 -17.31 -1.07 -2.26
CA CYS A 318 -16.29 -0.26 -1.58
C CYS A 318 -14.88 -0.60 -2.16
N ASN A 319 -14.58 -1.88 -2.26
CA ASN A 319 -13.29 -2.32 -2.80
C ASN A 319 -13.11 -2.07 -4.31
N LEU A 320 -14.18 -2.18 -5.10
CA LEU A 320 -14.10 -1.94 -6.57
C LEU A 320 -14.01 -0.46 -6.95
N PHE A 321 -14.67 0.40 -6.19
CA PHE A 321 -14.82 1.83 -6.54
C PHE A 321 -14.26 2.86 -5.55
N VAL A 322 -14.47 2.66 -4.26
CA VAL A 322 -14.04 3.62 -3.29
C VAL A 322 -12.54 3.60 -3.10
N VAL A 323 -11.98 2.43 -2.76
CA VAL A 323 -10.54 2.31 -2.44
C VAL A 323 -9.65 2.87 -3.56
N PRO A 324 -9.90 2.48 -4.84
CA PRO A 324 -9.16 3.04 -5.98
C PRO A 324 -9.23 4.55 -6.08
N ALA A 325 -10.37 5.14 -5.77
CA ALA A 325 -10.54 6.61 -5.78
C ALA A 325 -9.70 7.28 -4.68
N LEU A 326 -9.69 6.68 -3.50
CA LEU A 326 -8.87 7.11 -2.38
C LEU A 326 -7.38 6.94 -2.68
N ARG A 327 -7.00 5.86 -3.35
CA ARG A 327 -5.61 5.66 -3.74
C ARG A 327 -5.12 6.80 -4.67
N LYS A 328 -5.95 7.20 -5.63
CA LYS A 328 -5.64 8.34 -6.51
C LYS A 328 -5.61 9.66 -5.71
N MET A 329 -6.55 9.82 -4.80
CA MET A 329 -6.63 11.03 -3.99
C MET A 329 -5.34 11.30 -3.21
N GLN A 330 -4.79 10.25 -2.58
CA GLN A 330 -3.53 10.36 -1.85
C GLN A 330 -2.27 10.31 -2.75
N GLY A 331 -2.45 10.42 -4.06
CA GLY A 331 -1.34 10.62 -4.97
C GLY A 331 -0.73 9.44 -5.64
N ILE A 332 -1.27 8.23 -5.41
CA ILE A 332 -0.72 7.03 -6.04
C ILE A 332 -0.86 7.12 -7.59
N LEU A 333 0.26 6.94 -8.30
CA LEU A 333 0.30 7.12 -9.77
C LEU A 333 -0.58 6.09 -10.52
N ASP A 334 -0.53 4.83 -10.12
CA ASP A 334 -1.41 3.82 -10.69
C ASP A 334 -2.30 3.29 -9.58
N PRO A 335 -3.49 3.91 -9.39
CA PRO A 335 -4.42 3.57 -8.32
C PRO A 335 -5.27 2.31 -8.53
N ARG A 336 -5.09 1.65 -9.67
CA ARG A 336 -5.83 0.43 -9.94
C ARG A 336 -5.43 -0.71 -8.99
N PRO A 337 -6.37 -1.63 -8.73
CA PRO A 337 -6.07 -2.76 -7.89
C PRO A 337 -5.26 -3.83 -8.58
N THR A 338 -4.53 -4.58 -7.80
CA THR A 338 -3.78 -5.70 -8.30
C THR A 338 -4.76 -6.84 -8.52
N ILE A 339 -4.69 -7.43 -9.69
CA ILE A 339 -5.53 -8.54 -10.07
C ILE A 339 -4.61 -9.68 -10.40
N ILE A 340 -4.85 -10.84 -9.80
CA ILE A 340 -4.01 -12.02 -10.03
C ILE A 340 -4.80 -13.24 -10.59
N LYS A 341 -4.09 -14.24 -11.06
CA LYS A 341 -4.72 -15.46 -11.57
C LYS A 341 -4.75 -16.53 -10.49
N ALA A 342 -5.88 -17.24 -10.40
CA ALA A 342 -6.09 -18.28 -9.39
C ALA A 342 -6.95 -19.39 -9.96
N ARG A 343 -7.04 -20.49 -9.25
CA ARG A 343 -7.92 -21.60 -9.64
C ARG A 343 -9.19 -21.63 -8.75
N LEU A 344 -10.35 -21.87 -9.36
CA LEU A 344 -11.59 -22.05 -8.62
C LEU A 344 -11.56 -23.33 -7.81
N SER A 345 -11.92 -23.22 -6.54
CA SER A 345 -12.04 -24.36 -5.67
C SER A 345 -13.34 -25.11 -5.98
N CYS A 346 -14.31 -24.42 -6.58
CA CYS A 346 -15.63 -25.01 -6.88
C CYS A 346 -16.12 -24.73 -8.28
N ASP A 347 -17.25 -25.35 -8.59
CA ASP A 347 -18.01 -25.07 -9.78
C ASP A 347 -18.90 -23.89 -9.47
N VAL A 348 -19.13 -23.04 -10.47
CA VAL A 348 -19.98 -21.85 -10.30
C VAL A 348 -20.83 -21.66 -11.54
N LYS A 349 -22.06 -21.22 -11.36
CA LYS A 349 -22.96 -20.99 -12.50
C LYS A 349 -22.88 -19.50 -12.88
N LEU A 350 -22.31 -19.20 -14.05
CA LEU A 350 -22.18 -17.79 -14.46
C LEU A 350 -23.52 -17.06 -14.60
N ASP A 351 -23.50 -15.77 -14.29
CA ASP A 351 -24.66 -14.93 -14.39
C ASP A 351 -24.48 -14.08 -15.65
N PRO A 352 -25.60 -13.64 -16.28
CA PRO A 352 -25.50 -12.68 -17.40
C PRO A 352 -24.62 -11.45 -17.08
N ARG A 353 -24.58 -11.04 -15.81
CA ARG A 353 -23.78 -9.89 -15.37
C ARG A 353 -22.43 -10.29 -14.80
N PRO A 354 -21.45 -9.37 -14.90
CA PRO A 354 -20.19 -9.61 -14.18
C PRO A 354 -20.49 -9.71 -12.67
N GLU A 355 -19.91 -10.73 -12.02
CA GLU A 355 -20.19 -11.02 -10.62
C GLU A 355 -18.92 -11.07 -9.77
N TYR A 356 -19.03 -10.62 -8.53
CA TYR A 356 -17.88 -10.54 -7.62
C TYR A 356 -18.20 -11.21 -6.30
N HIS A 357 -17.35 -12.17 -5.92
CA HIS A 357 -17.50 -12.89 -4.65
C HIS A 357 -16.26 -12.73 -3.83
N ARG A 358 -16.46 -12.36 -2.55
CA ARG A 358 -15.38 -12.34 -1.55
C ARG A 358 -14.82 -13.74 -1.46
N CYS A 359 -13.50 -13.86 -1.46
CA CYS A 359 -12.87 -15.18 -1.38
C CYS A 359 -11.55 -15.15 -0.62
N ILE A 360 -11.02 -16.35 -0.39
CA ILE A 360 -9.76 -16.55 0.30
C ILE A 360 -8.81 -17.22 -0.68
N LEU A 361 -7.64 -16.62 -0.83
CA LEU A 361 -6.60 -17.11 -1.70
C LEU A 361 -5.64 -17.93 -0.88
N THR A 362 -5.37 -19.15 -1.31
CA THR A 362 -4.44 -19.99 -0.63
C THR A 362 -3.40 -20.59 -1.58
N TRP A 363 -2.14 -20.46 -1.21
CA TRP A 363 -1.02 -21.05 -1.97
C TRP A 363 -0.63 -22.36 -1.35
N HIS A 364 -0.66 -23.42 -2.14
CA HIS A 364 -0.29 -24.76 -1.66
C HIS A 364 1.11 -25.10 -2.14
N HIS A 365 1.75 -26.05 -1.48
CA HIS A 365 3.16 -26.36 -1.73
C HIS A 365 3.51 -26.56 -3.19
N GLN A 366 4.37 -25.68 -3.71
CA GLN A 366 4.98 -25.84 -5.03
C GLN A 366 4.04 -25.70 -6.23
N GLU A 367 2.86 -25.12 -6.02
CA GLU A 367 1.91 -24.90 -7.11
C GLU A 367 2.05 -23.48 -7.62
N PRO A 368 1.92 -23.29 -8.96
CA PRO A 368 2.06 -21.95 -9.54
C PRO A 368 0.95 -20.98 -9.11
N LEU A 369 -0.31 -21.38 -9.29
CA LEU A 369 -1.43 -20.52 -8.97
C LEU A 369 -2.06 -20.81 -7.60
N PRO A 370 -2.52 -19.75 -6.90
CA PRO A 370 -3.28 -19.99 -5.67
C PRO A 370 -4.68 -20.52 -6.02
N TRP A 371 -5.33 -21.09 -5.03
CA TRP A 371 -6.71 -21.52 -5.16
C TRP A 371 -7.60 -20.46 -4.50
N ALA A 372 -8.68 -20.10 -5.19
CA ALA A 372 -9.67 -19.14 -4.71
C ALA A 372 -10.92 -19.87 -4.21
N GLN A 373 -11.07 -19.96 -2.89
CA GLN A 373 -12.22 -20.56 -2.29
C GLN A 373 -13.23 -19.44 -2.00
N SER A 374 -14.26 -19.36 -2.85
CA SER A 374 -15.30 -18.34 -2.68
C SER A 374 -16.07 -18.51 -1.38
N THR A 375 -16.22 -17.40 -0.65
CA THR A 375 -17.04 -17.34 0.56
C THR A 375 -18.10 -16.23 0.48
N GLY A 376 -17.87 -15.25 -0.42
CA GLY A 376 -18.69 -14.00 -0.51
C GLY A 376 -20.09 -14.07 -1.07
N ASN A 377 -20.83 -15.09 -0.65
CA ASN A 377 -22.22 -15.28 -0.99
C ASN A 377 -22.91 -15.22 0.39
N GLN A 378 -22.18 -14.65 1.36
CA GLN A 378 -22.45 -14.75 2.81
C GLN A 378 -23.87 -14.55 3.27
N MET A 379 -24.06 -14.94 4.54
CA MET A 379 -25.30 -14.90 5.27
C MET A 379 -25.87 -16.32 5.47
N SER A 380 -26.73 -16.80 4.57
CA SER A 380 -27.42 -18.11 4.77
C SER A 380 -26.58 -19.36 4.43
N SER A 381 -25.40 -19.19 3.83
CA SER A 381 -24.51 -20.32 3.55
C SER A 381 -23.06 -19.90 3.77
N ARG A 382 -22.62 -20.02 5.02
CA ARG A 382 -21.26 -19.62 5.42
C ARG A 382 -20.53 -20.79 6.09
N LEU A 383 -19.54 -21.34 5.41
CA LEU A 383 -18.70 -22.37 6.03
C LEU A 383 -17.42 -21.64 6.48
N MET A 384 -17.48 -21.19 7.73
CA MET A 384 -16.46 -20.39 8.43
C MET A 384 -14.97 -20.78 8.25
N SER A 385 -14.15 -19.78 7.94
CA SER A 385 -12.69 -19.93 7.85
C SER A 385 -12.05 -19.15 9.04
N MET A 386 -10.83 -19.52 9.41
CA MET A 386 -10.08 -18.79 10.42
C MET A 386 -9.46 -17.53 9.77
N ARG A 387 -9.36 -17.55 8.45
CA ARG A 387 -8.80 -16.45 7.66
C ARG A 387 -9.91 -15.51 7.18
N SER A 388 -9.55 -14.23 6.98
CA SER A 388 -10.46 -13.24 6.36
C SER A 388 -10.37 -13.42 4.85
N ALA A 389 -11.37 -12.91 4.14
CA ALA A 389 -11.33 -12.90 2.71
C ALA A 389 -10.24 -11.90 2.31
N ASN A 390 -9.39 -12.30 1.39
CA ASN A 390 -8.31 -11.43 0.96
C ASN A 390 -8.35 -11.12 -0.54
N GLY A 391 -9.45 -11.50 -1.17
CA GLY A 391 -9.65 -11.21 -2.57
C GLY A 391 -11.10 -11.16 -2.97
N LEU A 392 -11.31 -10.66 -4.21
CA LEU A 392 -12.64 -10.70 -4.86
C LEU A 392 -12.48 -11.53 -6.12
N LEU A 393 -13.21 -12.67 -6.15
CA LEU A 393 -13.31 -13.51 -7.32
C LEU A 393 -14.10 -12.75 -8.38
N MET A 394 -13.49 -12.54 -9.53
CA MET A 394 -14.09 -11.75 -10.59
C MET A 394 -14.57 -12.70 -11.68
N LEU A 395 -15.84 -13.09 -11.56
CA LEU A 395 -16.47 -14.00 -12.49
C LEU A 395 -16.91 -13.23 -13.75
N PRO A 396 -16.61 -13.84 -14.93
CA PRO A 396 -16.95 -13.24 -16.18
C PRO A 396 -18.44 -13.32 -16.43
N PRO A 397 -18.97 -12.34 -17.18
CA PRO A 397 -20.37 -12.46 -17.58
C PRO A 397 -20.56 -13.73 -18.42
N LYS A 398 -21.68 -14.40 -18.20
CA LYS A 398 -22.06 -15.62 -18.92
C LYS A 398 -22.02 -15.38 -20.44
N THR A 399 -21.55 -16.38 -21.21
CA THR A 399 -21.56 -16.34 -22.71
C THR A 399 -22.38 -17.53 -23.26
N GLU A 400 -22.41 -17.63 -24.57
CA GLU A 400 -23.18 -18.69 -25.18
C GLU A 400 -22.49 -20.04 -25.03
N GLN A 401 -21.16 -20.04 -25.00
CA GLN A 401 -20.42 -21.28 -24.85
C GLN A 401 -20.03 -21.53 -23.39
N TYR A 402 -19.81 -20.46 -22.62
CA TYR A 402 -19.43 -20.59 -21.19
C TYR A 402 -20.58 -20.26 -20.24
N VAL A 403 -21.30 -21.30 -19.86
CA VAL A 403 -22.43 -21.16 -18.96
C VAL A 403 -22.01 -21.35 -17.52
N GLU A 404 -21.03 -22.22 -17.27
CA GLU A 404 -20.54 -22.43 -15.93
C GLU A 404 -19.03 -22.66 -15.93
N LEU A 405 -18.41 -22.37 -14.78
CA LEU A 405 -16.99 -22.62 -14.58
C LEU A 405 -16.76 -23.80 -13.61
N HIS A 406 -15.70 -24.56 -13.88
CA HIS A 406 -15.39 -25.78 -13.15
C HIS A 406 -14.25 -25.60 -12.17
N LYS A 407 -14.24 -26.44 -11.14
CA LYS A 407 -13.16 -26.47 -10.15
C LYS A 407 -11.84 -26.64 -10.87
N GLY A 408 -10.87 -25.80 -10.53
CA GLY A 408 -9.55 -25.88 -11.12
C GLY A 408 -9.31 -24.92 -12.27
N GLU A 409 -10.36 -24.33 -12.81
CA GLU A 409 -10.19 -23.38 -13.90
C GLU A 409 -9.60 -22.06 -13.43
N VAL A 410 -8.68 -21.52 -14.22
CA VAL A 410 -8.01 -20.28 -13.91
C VAL A 410 -8.90 -19.07 -14.13
N VAL A 411 -9.05 -18.29 -13.07
CA VAL A 411 -9.90 -17.13 -13.06
C VAL A 411 -9.14 -15.94 -12.45
N ASP A 412 -9.72 -14.75 -12.57
CA ASP A 412 -9.15 -13.53 -12.05
C ASP A 412 -9.61 -13.28 -10.65
N VAL A 413 -8.73 -12.68 -9.86
CA VAL A 413 -9.01 -12.31 -8.48
C VAL A 413 -8.32 -10.99 -8.12
N MET A 414 -9.12 -10.05 -7.63
CA MET A 414 -8.62 -8.80 -7.11
C MET A 414 -8.09 -9.06 -5.73
N VAL A 415 -6.87 -8.67 -5.49
CA VAL A 415 -6.33 -8.74 -4.15
C VAL A 415 -6.90 -7.54 -3.38
N ILE A 416 -7.61 -7.80 -2.26
CA ILE A 416 -8.21 -6.73 -1.46
C ILE A 416 -7.63 -6.59 -0.07
N GLY A 417 -6.82 -7.55 0.37
CA GLY A 417 -6.13 -7.41 1.66
C GLY A 417 -4.73 -8.03 1.65
N ARG A 418 -4.01 -7.87 2.76
CA ARG A 418 -2.70 -8.51 2.94
C ARG A 418 -2.77 -10.05 2.76
N LEU A 419 -1.90 -10.59 1.92
CA LEU A 419 -1.86 -12.06 1.72
C LEU A 419 -1.29 -12.75 2.97
N PHE B 1 -6.62 -3.08 -19.51
CA PHE B 1 -7.06 -3.33 -18.09
C PHE B 1 -8.58 -3.40 -17.99
N SER B 2 -9.07 -4.39 -17.26
CA SER B 2 -10.49 -4.51 -17.01
C SER B 2 -10.74 -4.91 -15.53
N ILE B 3 -11.77 -4.31 -14.90
CA ILE B 3 -12.21 -4.78 -13.56
C ILE B 3 -13.34 -5.82 -13.68
N VAL B 4 -13.54 -6.32 -14.89
CA VAL B 4 -14.47 -7.40 -15.13
C VAL B 4 -13.63 -8.63 -15.39
N GLY B 5 -14.04 -9.75 -14.80
CA GLY B 5 -13.32 -10.99 -14.93
C GLY B 5 -13.26 -11.55 -16.34
N SER B 6 -12.17 -12.27 -16.65
CA SER B 6 -12.01 -12.89 -17.96
C SER B 6 -12.36 -14.38 -17.88
N LEU B 7 -12.67 -14.94 -19.04
CA LEU B 7 -12.98 -16.38 -19.14
C LEU B 7 -11.68 -17.17 -19.10
N PRO B 8 -11.74 -18.42 -18.63
CA PRO B 8 -10.55 -19.28 -18.67
C PRO B 8 -9.99 -19.47 -20.11
N ARG B 9 -10.85 -19.23 -21.13
CA ARG B 9 -10.44 -19.27 -22.54
C ARG B 9 -9.46 -18.15 -22.86
N ASP B 10 -9.73 -16.94 -22.37
CA ASP B 10 -8.83 -15.79 -22.58
C ASP B 10 -7.41 -16.07 -21.98
N PHE B 11 -7.33 -17.08 -21.11
CA PHE B 11 -6.06 -17.52 -20.53
C PHE B 11 -5.22 -18.38 -21.53
N GLU B 12 -5.80 -18.71 -22.71
CA GLU B 12 -5.08 -19.45 -23.80
C GLU B 12 -3.81 -18.71 -24.31
N LEU B 13 -3.77 -17.38 -24.11
CA LEU B 13 -2.57 -16.56 -24.38
C LEU B 13 -2.66 -15.21 -23.63
#